data_4QMA
#
_entry.id   4QMA
#
_cell.length_a   57.007
_cell.length_b   57.007
_cell.length_c   216.683
_cell.angle_alpha   90.00
_cell.angle_beta   90.00
_cell.angle_gamma   90.00
#
_symmetry.space_group_name_H-M   'P 41 21 2'
#
loop_
_entity.id
_entity.type
_entity.pdbx_description
1 polymer 'Cysteine dioxygenase type I'
2 non-polymer 'FE (III) ION'
3 non-polymer 'OXYGEN MOLECULE'
4 non-polymer 'SULFATE ION'
5 non-polymer 1,2-ETHANEDIOL
6 water water
#
_entity_poly.entity_id   1
_entity_poly.type   'polypeptide(L)'
_entity_poly.pdbx_seq_one_letter_code
;G(MSE)SESPTAGRASLAPLREFITGLSALLDEQPGEARILREGGALLARLVARDDWLPDAFAQPHPEYYQQ(MSE)LLH
CDSAERFSIVSFVWGPGQRTPIHDHTVWGLIG(MSE)LRGAEYSQPFVLDGSGRPVLHGEPTRLEPGHVEAVSPTVGDIH
RVHNAYDDRVSISIHVYGANIGGVRRSVYTEAGERKPFISGYSNPYLPNPWDRSKDSAAS
;
_entity_poly.pdbx_strand_id   A
#
# COMPACT_ATOMS: atom_id res chain seq x y z
N SER A 12 16.66 -7.16 -13.24
CA SER A 12 16.36 -7.69 -11.92
C SER A 12 15.41 -6.77 -11.17
N LEU A 13 15.72 -5.48 -11.15
CA LEU A 13 14.76 -4.46 -10.73
C LEU A 13 13.87 -4.04 -11.88
N ALA A 14 14.06 -4.66 -13.05
CA ALA A 14 13.32 -4.28 -14.24
C ALA A 14 11.79 -4.32 -14.03
N PRO A 15 11.26 -5.34 -13.32
CA PRO A 15 9.80 -5.33 -13.11
C PRO A 15 9.33 -4.09 -12.37
N LEU A 16 10.13 -3.59 -11.44
CA LEU A 16 9.78 -2.36 -10.77
C LEU A 16 9.82 -1.17 -11.76
N ARG A 17 10.83 -1.09 -12.60
CA ARG A 17 10.89 -0.02 -13.59
CA ARG A 17 10.89 -0.02 -13.59
C ARG A 17 9.69 -0.10 -14.52
N GLU A 18 9.37 -1.31 -14.97
CA GLU A 18 8.26 -1.50 -15.88
C GLU A 18 6.94 -1.11 -15.25
N PHE A 19 6.78 -1.41 -13.97
CA PHE A 19 5.61 -0.92 -13.27
C PHE A 19 5.53 0.60 -13.21
N ILE A 20 6.62 1.27 -12.83
CA ILE A 20 6.66 2.73 -12.75
C ILE A 20 6.28 3.36 -14.09
N THR A 21 6.89 2.89 -15.18
CA THR A 21 6.69 3.54 -16.46
C THR A 21 5.33 3.17 -17.04
N GLY A 22 4.87 1.94 -16.78
CA GLY A 22 3.51 1.54 -17.14
C GLY A 22 2.44 2.35 -16.44
N LEU A 23 2.61 2.57 -15.13
CA LEU A 23 1.63 3.33 -14.38
C LEU A 23 1.68 4.78 -14.80
N SER A 24 2.89 5.31 -15.03
CA SER A 24 3.01 6.67 -15.51
C SER A 24 2.24 6.86 -16.83
N ALA A 25 2.38 5.91 -17.75
CA ALA A 25 1.69 5.97 -19.03
C ALA A 25 0.17 5.96 -18.88
N LEU A 26 -0.31 5.11 -17.98
CA LEU A 26 -1.72 5.09 -17.64
C LEU A 26 -2.18 6.46 -17.12
N LEU A 27 -1.45 7.03 -16.16
CA LEU A 27 -1.93 8.28 -15.55
C LEU A 27 -1.77 9.46 -16.51
N ASP A 28 -0.87 9.34 -17.48
CA ASP A 28 -0.74 10.34 -18.56
C ASP A 28 -2.07 10.53 -19.32
N GLU A 29 -2.92 9.50 -19.33
CA GLU A 29 -4.20 9.58 -20.03
C GLU A 29 -5.27 10.30 -19.22
N GLN A 30 -4.91 10.77 -18.02
CA GLN A 30 -5.88 11.43 -17.13
C GLN A 30 -7.12 10.56 -16.87
N PRO A 31 -6.93 9.30 -16.53
CA PRO A 31 -8.07 8.40 -16.29
C PRO A 31 -8.91 8.77 -15.07
N GLY A 32 -10.18 8.38 -15.05
CA GLY A 32 -10.96 8.42 -13.82
C GLY A 32 -10.43 7.40 -12.80
N GLU A 33 -10.78 7.59 -11.54
CA GLU A 33 -10.33 6.68 -10.50
C GLU A 33 -10.69 5.22 -10.77
N ALA A 34 -11.89 4.96 -11.29
CA ALA A 34 -12.31 3.57 -11.46
C ALA A 34 -11.34 2.86 -12.39
N ARG A 35 -10.94 3.53 -13.46
CA ARG A 35 -9.98 2.94 -14.39
C ARG A 35 -8.57 2.83 -13.79
N ILE A 36 -8.16 3.82 -13.00
CA ILE A 36 -6.91 3.74 -12.30
C ILE A 36 -6.89 2.48 -11.41
N LEU A 37 -7.98 2.23 -10.69
CA LEU A 37 -7.93 1.13 -9.73
C LEU A 37 -7.89 -0.21 -10.49
N ARG A 38 -8.63 -0.31 -11.59
CA ARG A 38 -8.74 -1.56 -12.35
CA ARG A 38 -8.72 -1.58 -12.31
C ARG A 38 -7.47 -1.80 -13.18
N GLU A 39 -7.12 -0.85 -14.01
N GLU A 39 -7.15 -0.85 -14.05
CA GLU A 39 -5.96 -1.04 -14.90
CA GLU A 39 -5.95 -0.96 -14.90
C GLU A 39 -4.64 -0.86 -14.13
C GLU A 39 -4.68 -0.91 -14.07
N GLY A 40 -4.63 0.01 -13.12
CA GLY A 40 -3.51 0.06 -12.19
C GLY A 40 -3.42 -1.22 -11.37
N GLY A 41 -4.58 -1.77 -11.01
CA GLY A 41 -4.59 -3.02 -10.26
C GLY A 41 -3.94 -4.15 -11.04
N ALA A 42 -4.21 -4.23 -12.34
CA ALA A 42 -3.61 -5.25 -13.19
C ALA A 42 -2.11 -5.02 -13.32
N LEU A 43 -1.68 -3.77 -13.42
CA LEU A 43 -0.24 -3.48 -13.48
C LEU A 43 0.47 -3.95 -12.20
N LEU A 44 -0.15 -3.67 -11.06
CA LEU A 44 0.45 -4.04 -9.80
C LEU A 44 0.43 -5.56 -9.63
N ALA A 45 -0.66 -6.21 -10.02
CA ALA A 45 -0.71 -7.67 -9.92
C ALA A 45 0.41 -8.30 -10.74
N ARG A 46 0.75 -7.71 -11.88
CA ARG A 46 1.85 -8.21 -12.69
C ARG A 46 3.18 -8.07 -11.93
N LEU A 47 3.35 -6.94 -11.28
CA LEU A 47 4.55 -6.73 -10.47
C LEU A 47 4.65 -7.73 -9.30
N VAL A 48 3.55 -8.00 -8.60
CA VAL A 48 3.65 -8.84 -7.42
C VAL A 48 3.36 -10.30 -7.72
N ALA A 49 3.19 -10.64 -9.00
CA ALA A 49 2.94 -12.02 -9.43
C ALA A 49 4.17 -12.89 -9.27
N ARG A 50 5.34 -12.28 -9.40
CA ARG A 50 6.61 -12.98 -9.28
C ARG A 50 7.48 -12.25 -8.28
N ASP A 51 8.00 -12.99 -7.32
CA ASP A 51 8.72 -12.42 -6.21
C ASP A 51 10.22 -12.56 -6.47
N ASP A 52 10.70 -11.88 -7.50
CA ASP A 52 12.08 -12.02 -7.92
C ASP A 52 12.76 -10.66 -8.16
N TRP A 53 12.25 -9.61 -7.55
CA TRP A 53 12.75 -8.25 -7.85
C TRP A 53 12.98 -7.38 -6.61
N LEU A 54 12.27 -7.65 -5.52
CA LEU A 54 12.44 -6.84 -4.32
C LEU A 54 13.77 -7.16 -3.62
N PRO A 55 14.67 -6.17 -3.51
CA PRO A 55 15.94 -6.44 -2.83
C PRO A 55 15.72 -6.67 -1.33
N ASP A 56 16.55 -7.49 -0.72
CA ASP A 56 16.38 -7.86 0.69
C ASP A 56 16.37 -6.64 1.59
N ALA A 57 17.11 -5.59 1.22
CA ALA A 57 17.18 -4.39 2.05
C ALA A 57 15.81 -3.71 2.24
N PHE A 58 14.88 -3.97 1.33
CA PHE A 58 13.55 -3.38 1.40
C PHE A 58 12.52 -4.39 1.90
N ALA A 59 13.00 -5.46 2.53
CA ALA A 59 12.13 -6.53 3.02
C ALA A 59 12.40 -6.84 4.47
N GLN A 60 13.23 -6.04 5.12
CA GLN A 60 13.63 -6.33 6.50
C GLN A 60 12.63 -5.79 7.52
N PRO A 61 12.15 -6.65 8.44
CA PRO A 61 11.16 -6.17 9.40
C PRO A 61 11.82 -5.42 10.54
N HIS A 62 11.03 -4.62 11.26
CA HIS A 62 11.50 -3.97 12.47
C HIS A 62 10.81 -4.67 13.66
N PRO A 63 11.53 -4.86 14.78
CA PRO A 63 10.96 -5.67 15.86
C PRO A 63 9.71 -5.09 16.52
N GLU A 64 9.48 -3.77 16.39
CA GLU A 64 8.36 -3.11 17.06
C GLU A 64 7.32 -2.56 16.08
N TYR A 65 7.79 -2.02 14.96
CA TYR A 65 6.92 -1.31 14.04
C TYR A 65 6.95 -1.92 12.65
N TYR A 66 5.81 -1.97 11.98
CA TYR A 66 5.82 -2.33 10.57
C TYR A 66 6.54 -1.21 9.81
N GLN A 67 7.29 -1.61 8.78
CA GLN A 67 8.12 -0.70 8.00
C GLN A 67 7.42 -0.24 6.73
N GLN A 68 7.51 1.05 6.41
CA GLN A 68 6.97 1.62 5.20
C GLN A 68 8.19 2.20 4.45
N LEU A 70 9.75 3.68 1.14
CA LEU A 70 9.47 4.28 -0.18
C LEU A 70 10.39 3.65 -1.22
N LEU A 71 9.79 3.16 -2.32
CA LEU A 71 10.54 2.61 -3.43
C LEU A 71 10.71 3.65 -4.55
N HIS A 72 9.68 4.45 -4.75
CA HIS A 72 9.65 5.45 -5.84
C HIS A 72 8.57 6.49 -5.59
N CYS A 73 8.90 7.77 -5.84
CA CYS A 73 7.89 8.81 -5.87
C CYS A 73 7.94 9.56 -7.21
N ASP A 74 6.77 9.71 -7.80
CA ASP A 74 6.57 10.46 -9.04
C ASP A 74 6.93 11.95 -8.88
N SER A 75 7.67 12.54 -9.83
CA SER A 75 8.04 13.93 -9.67
C SER A 75 6.84 14.85 -9.49
N ALA A 76 5.76 14.54 -10.19
CA ALA A 76 4.55 15.35 -10.20
C ALA A 76 3.62 14.89 -9.07
N GLU A 77 4.11 13.98 -8.26
CA GLU A 77 3.38 13.41 -7.10
C GLU A 77 2.02 12.82 -7.48
N ARG A 78 1.94 12.23 -8.66
CA ARG A 78 0.74 11.54 -9.10
C ARG A 78 0.64 10.21 -8.39
N PHE A 79 1.78 9.65 -7.99
CA PHE A 79 1.77 8.39 -7.23
C PHE A 79 3.07 8.16 -6.47
N SER A 80 3.02 7.24 -5.52
CA SER A 80 4.20 6.80 -4.82
C SER A 80 4.04 5.30 -4.57
N ILE A 81 5.17 4.61 -4.49
CA ILE A 81 5.20 3.16 -4.30
C ILE A 81 5.97 2.83 -3.03
N VAL A 82 5.38 1.99 -2.18
CA VAL A 82 5.99 1.67 -0.89
C VAL A 82 6.02 0.16 -0.67
N SER A 83 7.13 -0.33 -0.13
CA SER A 83 7.19 -1.69 0.38
C SER A 83 6.77 -1.68 1.85
N PHE A 84 5.66 -2.37 2.15
CA PHE A 84 5.17 -2.52 3.53
C PHE A 84 5.65 -3.86 4.06
N VAL A 85 6.50 -3.82 5.06
CA VAL A 85 7.07 -5.04 5.62
C VAL A 85 6.41 -5.31 6.97
N TRP A 86 5.64 -6.39 7.02
CA TRP A 86 4.99 -6.85 8.24
C TRP A 86 5.88 -7.82 9.01
N GLY A 87 6.29 -7.43 10.21
CA GLY A 87 6.91 -8.36 11.12
C GLY A 87 5.82 -9.31 11.61
N PRO A 88 6.21 -10.45 12.17
CA PRO A 88 5.22 -11.41 12.70
C PRO A 88 4.15 -10.74 13.57
N GLY A 89 2.88 -10.96 13.22
CA GLY A 89 1.77 -10.49 14.03
C GLY A 89 1.51 -8.99 14.02
N GLN A 90 2.23 -8.23 13.20
CA GLN A 90 2.08 -6.78 13.25
C GLN A 90 0.78 -6.29 12.60
N ARG A 91 0.26 -5.18 13.11
CA ARG A 91 -0.97 -4.60 12.56
C ARG A 91 -0.91 -3.08 12.54
N THR A 92 -1.75 -2.49 11.69
CA THR A 92 -1.93 -1.04 11.66
C THR A 92 -2.99 -0.63 12.66
N PRO A 93 -2.99 0.67 13.03
CA PRO A 93 -4.19 1.25 13.62
C PRO A 93 -5.25 1.37 12.54
N ILE A 94 -6.49 1.66 12.94
CA ILE A 94 -7.51 2.09 12.01
C ILE A 94 -7.11 3.46 11.44
N HIS A 95 -7.20 3.59 10.12
CA HIS A 95 -6.79 4.81 9.47
C HIS A 95 -7.46 4.97 8.12
N ASP A 96 -7.37 6.17 7.53
CA ASP A 96 -7.86 6.38 6.18
C ASP A 96 -6.69 6.74 5.28
N HIS A 97 -7.00 7.19 4.08
CA HIS A 97 -5.93 7.48 3.08
C HIS A 97 -6.14 8.83 2.42
N THR A 98 -7.38 9.15 2.08
CA THR A 98 -7.82 10.42 1.45
C THR A 98 -7.45 10.51 -0.04
N VAL A 99 -6.72 9.52 -0.53
CA VAL A 99 -6.43 9.39 -1.96
C VAL A 99 -6.58 7.92 -2.31
N TRP A 100 -6.61 7.60 -3.60
CA TRP A 100 -6.70 6.22 -4.02
C TRP A 100 -5.44 5.44 -3.64
N GLY A 101 -5.64 4.15 -3.40
CA GLY A 101 -4.56 3.27 -3.05
C GLY A 101 -4.79 1.86 -3.56
N LEU A 102 -3.69 1.21 -3.90
CA LEU A 102 -3.68 -0.18 -4.35
C LEU A 102 -2.64 -0.95 -3.54
N ILE A 103 -3.06 -2.10 -3.02
CA ILE A 103 -2.22 -2.94 -2.21
C ILE A 103 -2.07 -4.29 -2.91
N GLY A 104 -0.83 -4.65 -3.20
CA GLY A 104 -0.50 -5.88 -3.88
C GLY A 104 0.29 -6.77 -2.97
N LEU A 106 2.80 -9.51 -1.86
CA LEU A 106 4.01 -10.07 -2.45
C LEU A 106 4.41 -11.38 -1.76
N ARG A 107 4.41 -11.34 -0.43
CA ARG A 107 4.90 -12.42 0.41
C ARG A 107 4.00 -12.58 1.60
N GLY A 108 3.69 -13.82 1.98
CA GLY A 108 2.81 -14.08 3.09
C GLY A 108 1.39 -13.65 2.76
N ALA A 109 0.70 -13.06 3.73
CA ALA A 109 -0.68 -12.65 3.53
C ALA A 109 -1.08 -11.65 4.58
N GLU A 110 -2.15 -10.91 4.34
CA GLU A 110 -2.65 -9.96 5.33
C GLU A 110 -4.18 -9.98 5.33
N TYR A 111 -4.76 -9.57 6.46
CA TYR A 111 -6.20 -9.38 6.57
C TYR A 111 -6.48 -7.91 6.61
N SER A 112 -7.49 -7.48 5.87
CA SER A 112 -7.95 -6.10 5.91
C SER A 112 -9.39 -6.05 6.40
N GLN A 113 -9.62 -5.23 7.42
CA GLN A 113 -10.95 -5.05 8.01
C GLN A 113 -11.48 -3.64 7.70
N PRO A 114 -12.56 -3.54 6.92
CA PRO A 114 -13.18 -2.24 6.72
C PRO A 114 -13.85 -1.68 7.97
N PHE A 115 -13.82 -0.36 8.07
CA PHE A 115 -14.58 0.37 9.09
C PHE A 115 -15.35 1.49 8.41
N VAL A 116 -16.46 1.88 9.00
CA VAL A 116 -17.17 3.07 8.57
C VAL A 116 -17.38 3.92 9.79
N LEU A 117 -17.55 5.22 9.62
CA LEU A 117 -17.82 6.09 10.76
C LEU A 117 -19.30 6.08 11.12
N ASP A 118 -19.59 6.09 12.42
CA ASP A 118 -20.96 6.19 12.91
C ASP A 118 -21.39 7.64 13.03
N GLY A 119 -22.50 7.86 13.72
CA GLY A 119 -23.13 9.15 13.80
C GLY A 119 -22.29 10.25 14.40
N SER A 120 -21.38 9.90 15.31
CA SER A 120 -20.54 10.88 15.98
C SER A 120 -19.10 10.87 15.46
N GLY A 121 -18.87 10.10 14.40
CA GLY A 121 -17.56 10.06 13.77
C GLY A 121 -16.58 9.02 14.32
N ARG A 122 -17.10 8.02 14.99
CA ARG A 122 -16.28 6.94 15.52
C ARG A 122 -16.32 5.75 14.59
N PRO A 123 -15.18 5.06 14.42
CA PRO A 123 -15.11 3.91 13.52
C PRO A 123 -15.82 2.67 14.06
N VAL A 124 -16.64 2.05 13.21
CA VAL A 124 -17.34 0.81 13.60
C VAL A 124 -17.07 -0.25 12.52
N LEU A 125 -16.92 -1.49 12.96
CA LEU A 125 -16.76 -2.61 12.03
C LEU A 125 -17.80 -2.62 10.93
N HIS A 126 -17.32 -2.90 9.73
CA HIS A 126 -18.16 -2.97 8.56
C HIS A 126 -17.81 -4.23 7.77
N GLY A 127 -18.61 -5.27 7.92
CA GLY A 127 -18.38 -6.47 7.13
C GLY A 127 -17.30 -7.38 7.68
N GLU A 128 -17.03 -8.44 6.93
CA GLU A 128 -16.04 -9.43 7.30
C GLU A 128 -14.70 -8.98 6.74
N PRO A 129 -13.61 -9.33 7.43
CA PRO A 129 -12.31 -8.97 6.87
C PRO A 129 -11.99 -9.80 5.64
N THR A 130 -11.13 -9.30 4.76
CA THR A 130 -10.70 -10.10 3.61
C THR A 130 -9.23 -10.47 3.75
N ARG A 131 -8.89 -11.65 3.24
CA ARG A 131 -7.51 -12.14 3.26
C ARG A 131 -6.89 -11.88 1.90
N LEU A 132 -5.77 -11.16 1.85
CA LEU A 132 -5.10 -10.89 0.59
C LEU A 132 -3.95 -11.87 0.40
N GLU A 133 -3.97 -12.59 -0.71
CA GLU A 133 -2.95 -13.60 -1.02
C GLU A 133 -1.93 -13.06 -2.02
N PRO A 134 -0.73 -13.66 -2.04
CA PRO A 134 0.30 -13.24 -3.00
C PRO A 134 -0.22 -13.22 -4.43
N GLY A 135 0.09 -12.14 -5.12
CA GLY A 135 -0.32 -11.93 -6.49
C GLY A 135 -1.64 -11.18 -6.61
N HIS A 136 -2.36 -11.02 -5.51
CA HIS A 136 -3.66 -10.35 -5.55
C HIS A 136 -3.58 -8.90 -5.07
N VAL A 137 -4.54 -8.10 -5.53
CA VAL A 137 -4.54 -6.67 -5.30
C VAL A 137 -5.88 -6.18 -4.79
N GLU A 138 -5.85 -5.26 -3.83
CA GLU A 138 -7.08 -4.66 -3.30
CA GLU A 138 -7.08 -4.65 -3.33
C GLU A 138 -6.95 -3.13 -3.29
N ALA A 139 -8.08 -2.45 -3.44
CA ALA A 139 -8.12 -0.99 -3.51
C ALA A 139 -8.74 -0.34 -2.29
N VAL A 140 -8.30 0.87 -2.00
CA VAL A 140 -8.92 1.77 -1.06
C VAL A 140 -9.06 3.12 -1.75
N SER A 141 -10.08 3.88 -1.34
CA SER A 141 -10.21 5.31 -1.70
C SER A 141 -11.39 5.91 -0.98
N PRO A 142 -11.45 7.26 -0.93
CA PRO A 142 -12.64 7.95 -0.42
C PRO A 142 -13.92 7.50 -1.09
N THR A 143 -13.81 7.06 -2.34
CA THR A 143 -14.97 6.63 -3.12
C THR A 143 -15.35 5.19 -2.85
N VAL A 144 -14.38 4.29 -2.77
CA VAL A 144 -14.71 2.86 -2.76
C VAL A 144 -14.67 2.26 -1.36
N GLY A 145 -14.19 3.04 -0.39
CA GLY A 145 -14.04 2.57 0.98
C GLY A 145 -12.62 2.89 1.40
N ASP A 146 -12.48 3.80 2.37
CA ASP A 146 -11.19 4.41 2.67
C ASP A 146 -10.64 4.09 4.03
N ILE A 147 -11.45 3.52 4.92
CA ILE A 147 -11.04 3.33 6.30
C ILE A 147 -10.88 1.85 6.60
N HIS A 148 -9.71 1.46 7.08
CA HIS A 148 -9.47 0.06 7.37
C HIS A 148 -8.38 -0.12 8.40
N ARG A 149 -8.27 -1.37 8.81
CA ARG A 149 -7.17 -1.87 9.64
CA ARG A 149 -7.17 -1.87 9.64
C ARG A 149 -6.58 -3.10 8.97
N VAL A 150 -5.26 -3.15 8.86
CA VAL A 150 -4.62 -4.29 8.20
C VAL A 150 -3.70 -4.99 9.18
N HIS A 151 -3.64 -6.31 9.12
CA HIS A 151 -2.64 -7.02 9.93
C HIS A 151 -2.08 -8.22 9.23
N ASN A 152 -0.86 -8.56 9.64
CA ASN A 152 -0.17 -9.72 9.12
C ASN A 152 -1.02 -10.95 9.40
N ALA A 153 -1.34 -11.71 8.35
CA ALA A 153 -2.09 -12.96 8.56
C ALA A 153 -1.31 -13.99 9.38
N TYR A 154 -0.01 -13.78 9.55
CA TYR A 154 0.82 -14.73 10.26
C TYR A 154 1.40 -14.12 11.52
N ASP A 155 1.43 -14.91 12.59
CA ASP A 155 2.03 -14.48 13.85
CA ASP A 155 2.03 -14.48 13.85
C ASP A 155 3.47 -14.96 13.94
N ASP A 156 3.95 -15.63 12.89
CA ASP A 156 5.24 -16.33 12.96
C ASP A 156 6.16 -16.12 11.77
N ARG A 157 5.82 -15.18 10.89
CA ARG A 157 6.65 -14.95 9.75
C ARG A 157 6.43 -13.55 9.18
N VAL A 158 7.33 -13.14 8.31
CA VAL A 158 7.21 -11.85 7.67
C VAL A 158 6.28 -11.92 6.47
N SER A 159 5.44 -10.91 6.31
CA SER A 159 4.65 -10.72 5.09
C SER A 159 5.00 -9.37 4.48
N ILE A 160 4.87 -9.28 3.17
CA ILE A 160 5.21 -8.04 2.47
C ILE A 160 4.15 -7.74 1.45
N SER A 161 3.65 -6.51 1.48
CA SER A 161 2.80 -6.01 0.40
C SER A 161 3.41 -4.74 -0.21
N ILE A 162 3.10 -4.50 -1.48
CA ILE A 162 3.59 -3.32 -2.22
C ILE A 162 2.40 -2.42 -2.40
N HIS A 163 2.50 -1.20 -1.85
CA HIS A 163 1.41 -0.24 -1.88
C HIS A 163 1.69 0.86 -2.87
N VAL A 164 0.67 1.22 -3.65
CA VAL A 164 0.74 2.35 -4.58
C VAL A 164 -0.38 3.32 -4.25
N TYR A 165 -0.02 4.58 -3.97
CA TYR A 165 -1.00 5.61 -3.63
C TYR A 165 -1.01 6.75 -4.64
N GLY A 166 -2.16 7.39 -4.78
CA GLY A 166 -2.34 8.53 -5.67
C GLY A 166 -1.82 9.86 -5.14
N ALA A 167 -0.66 9.83 -4.50
CA ALA A 167 0.04 10.99 -3.95
C ALA A 167 1.40 10.51 -3.39
N ASN A 168 2.22 11.45 -2.91
CA ASN A 168 3.37 11.11 -2.04
C ASN A 168 2.79 10.75 -0.65
N ILE A 169 2.61 9.47 -0.41
CA ILE A 169 1.80 9.06 0.77
C ILE A 169 2.42 9.53 2.07
N GLY A 170 3.74 9.48 2.13
CA GLY A 170 4.50 10.00 3.27
C GLY A 170 4.24 11.46 3.58
N GLY A 171 3.66 12.21 2.64
CA GLY A 171 3.32 13.60 2.91
C GLY A 171 1.84 13.93 3.05
N VAL A 172 0.96 12.95 2.93
CA VAL A 172 -0.48 13.18 2.96
C VAL A 172 -0.96 13.39 4.40
N ARG A 173 -1.70 14.46 4.62
CA ARG A 173 -2.31 14.71 5.91
C ARG A 173 -3.62 13.95 5.95
N ARG A 174 -3.70 12.97 6.83
CA ARG A 174 -4.85 12.08 6.85
C ARG A 174 -5.15 11.76 8.32
N SER A 175 -5.93 10.72 8.56
CA SER A 175 -6.42 10.41 9.90
C SER A 175 -6.07 9.01 10.36
N VAL A 176 -5.76 8.93 11.65
CA VAL A 176 -5.61 7.67 12.34
C VAL A 176 -6.59 7.68 13.52
N TYR A 177 -7.01 6.50 13.98
CA TYR A 177 -7.92 6.46 15.14
C TYR A 177 -7.20 5.85 16.32
N THR A 178 -7.45 6.43 17.48
CA THR A 178 -6.89 5.96 18.74
C THR A 178 -7.62 4.67 19.14
N GLU A 179 -7.03 3.99 20.09
CA GLU A 179 -7.59 2.72 20.53
C GLU A 179 -9.02 2.89 21.09
N ALA A 180 -9.33 4.04 21.70
CA ALA A 180 -10.69 4.30 22.21
C ALA A 180 -11.64 4.81 21.11
N GLY A 181 -11.10 5.11 19.93
CA GLY A 181 -11.88 5.46 18.76
C GLY A 181 -11.97 6.96 18.43
N GLU A 182 -11.03 7.75 18.95
CA GLU A 182 -10.94 9.17 18.61
C GLU A 182 -10.11 9.38 17.35
N ARG A 183 -10.48 10.40 16.58
CA ARG A 183 -9.74 10.74 15.33
C ARG A 183 -8.57 11.64 15.65
N LYS A 184 -7.43 11.33 15.06
CA LYS A 184 -6.21 12.18 15.18
C LYS A 184 -5.60 12.43 13.82
N PRO A 185 -5.05 13.65 13.62
CA PRO A 185 -4.30 13.91 12.39
C PRO A 185 -3.06 13.02 12.30
N PHE A 186 -2.70 12.67 11.08
CA PHE A 186 -1.70 11.66 10.86
C PHE A 186 -0.94 11.89 9.52
N ILE A 187 0.38 11.91 9.57
CA ILE A 187 1.23 11.90 8.36
C ILE A 187 2.23 10.76 8.53
N SER A 188 2.18 9.76 7.66
CA SER A 188 2.93 8.52 7.91
C SER A 188 4.45 8.61 7.77
N GLY A 189 4.97 9.40 6.83
CA GLY A 189 6.42 9.40 6.67
C GLY A 189 6.98 8.07 6.15
N TYR A 190 8.30 7.91 6.14
CA TYR A 190 8.97 6.73 5.57
C TYR A 190 10.09 6.24 6.49
N SER A 191 10.36 4.93 6.46
CA SER A 191 11.39 4.32 7.29
C SER A 191 12.80 4.44 6.71
N ASN A 192 12.91 4.71 5.40
CA ASN A 192 14.15 4.49 4.71
C ASN A 192 14.84 5.76 4.16
N PRO A 193 16.11 5.94 4.48
CA PRO A 193 16.86 7.04 3.86
C PRO A 193 17.18 6.80 2.39
N TYR A 194 17.19 5.54 1.98
CA TYR A 194 17.61 5.17 0.63
C TYR A 194 16.56 4.44 -0.15
N LEU A 195 16.43 4.84 -1.41
CA LEU A 195 15.54 4.20 -2.38
C LEU A 195 16.39 3.33 -3.29
N PRO A 196 15.76 2.32 -3.93
CA PRO A 196 16.50 1.47 -4.86
C PRO A 196 16.81 2.23 -6.16
N ASN A 197 17.63 1.65 -7.03
CA ASN A 197 17.90 2.28 -8.33
C ASN A 197 17.56 1.35 -9.49
N PRO A 198 16.32 1.42 -9.99
CA PRO A 198 15.84 0.60 -11.10
C PRO A 198 16.10 1.19 -12.49
N TRP A 199 16.93 2.22 -12.56
CA TRP A 199 17.04 3.01 -13.78
C TRP A 199 18.29 2.73 -14.63
N ASP A 200 19.20 1.87 -14.18
CA ASP A 200 20.43 1.65 -14.96
C ASP A 200 20.16 0.64 -16.08
N ARG A 201 20.03 1.15 -17.31
CA ARG A 201 19.79 0.35 -18.51
C ARG A 201 21.08 0.12 -19.32
N SER A 202 22.23 0.25 -18.67
CA SER A 202 23.50 0.10 -19.39
C SER A 202 23.82 -1.37 -19.63
N LYS A 203 23.16 -2.25 -18.88
CA LYS A 203 23.32 -3.69 -19.04
C LYS A 203 21.99 -4.37 -19.29
#